data_7FOV
#
_entry.id   7FOV
#
_cell.length_a   88.567
_cell.length_b   81.747
_cell.length_c   93.505
_cell.angle_alpha   90
_cell.angle_beta   108.43
_cell.angle_gamma   90
#
_symmetry.space_group_name_H-M   'C 1 2 1'
#
loop_
_entity.id
_entity.type
_entity.pdbx_description
1 polymer 'Pre-mRNA-splicing factor 8'
2 polymer 'A1 cistron-splicing factor AAR2'
3 non-polymer 3-methyl-N-[(3S)-4,4,4-trifluoro-3-hydroxybutyl]-1,2-oxazole-5-carboxamide
4 water water
#
loop_
_entity_poly.entity_id
_entity_poly.type
_entity_poly.pdbx_seq_one_letter_code
_entity_poly.pdbx_strand_id
1 'polypeptide(L)'
;GAMNSSNYAELFNNDIKLFVDDTNVYRVTVHKTFEGNVATKAINGCIFTLNPKTGHLFLKIIHTSVWAGQKRLSQLAKWK
TAEEVSALVRSLPKEEQPKQIIVTRKAMLDPLEVHMLDFPNIAIRPTELRLPFSAAMSIDKLSDVVMKATEPQMVLFNIY
DDWLDRISSYTAFSRLTLLLRALKTNEESAKMILLSDPTITIKSYHLWPSFTDEQWITIESQMRDLILTEYGRKYNVNIS
ALTQTEIKDIILGQNIKA
;
A
2 'polypeptide(L)'
;GAMAMNTVPFTSAPIEVTIGIDQYSFNVKENQPFHGIKDIPIGHVHVIHFQHADNSSMRYGYWFDCRMGNFYIQYDPKDG
LYKMMEERDGAKFENIVHNFKERQMMVSYPKIDEDDTWYNLTEFVQMDKIRKIVRKDENQFSYVDSSMTTVQENELSSSS
SDPAHSLNYTVINFKSREAIRPGHEMEDFLDKSYYLNTVMLQGIFKNSSNYFGELQFAFLNAMFFGNYGSSLQWHAMIEL
ICSSATVPKHMLDKLDEILYYQIKTLPEQYSDILLNERVWNICLYSSFQKNSLHNTEKIMENKYPELL
;
B
#
loop_
_chem_comp.id
_chem_comp.type
_chem_comp.name
_chem_comp.formula
WCT non-polymer 3-methyl-N-[(3S)-4,4,4-trifluoro-3-hydroxybutyl]-1,2-oxazole-5-carboxamide 'C9 H11 F3 N2 O3'
#
# COMPACT_ATOMS: atom_id res chain seq x y z
N GLY A 1 -9.71 -10.55 -7.90
CA GLY A 1 -10.32 -9.55 -7.04
C GLY A 1 -11.36 -10.12 -6.09
N ALA A 2 -12.48 -9.40 -5.94
CA ALA A 2 -13.47 -9.77 -4.94
C ALA A 2 -14.39 -10.88 -5.45
N MET A 3 -14.89 -11.67 -4.51
CA MET A 3 -15.80 -12.77 -4.78
C MET A 3 -17.22 -12.27 -4.48
N ASN A 4 -18.14 -12.48 -5.42
CA ASN A 4 -19.46 -11.88 -5.32
C ASN A 4 -20.50 -12.83 -5.93
N SER A 5 -21.74 -12.34 -6.06
CA SER A 5 -22.80 -13.14 -6.63
C SER A 5 -22.50 -13.56 -8.06
N SER A 6 -21.77 -12.72 -8.80
CA SER A 6 -21.49 -13.00 -10.22
C SER A 6 -20.61 -14.23 -10.38
N ASN A 7 -19.60 -14.40 -9.53
CA ASN A 7 -18.66 -15.50 -9.65
C ASN A 7 -18.84 -16.52 -8.54
N TYR A 8 -20.10 -16.85 -8.23
CA TYR A 8 -20.41 -17.69 -7.09
C TYR A 8 -20.02 -19.16 -7.34
N ALA A 9 -20.17 -19.65 -8.57
CA ALA A 9 -19.88 -21.04 -8.83
C ALA A 9 -18.37 -21.35 -8.75
N GLU A 10 -17.52 -20.34 -8.78
CA GLU A 10 -16.09 -20.59 -8.64
C GLU A 10 -15.78 -21.31 -7.34
N LEU A 11 -16.65 -21.16 -6.33
CA LEU A 11 -16.41 -21.79 -5.05
C LEU A 11 -16.38 -23.31 -5.15
N PHE A 12 -17.04 -23.87 -6.15
CA PHE A 12 -17.25 -25.31 -6.24
C PHE A 12 -16.47 -25.93 -7.38
N ASN A 13 -15.52 -25.19 -7.97
CA ASN A 13 -14.65 -25.77 -8.99
C ASN A 13 -13.55 -26.57 -8.28
N ASN A 14 -12.58 -27.05 -9.04
CA ASN A 14 -11.59 -27.97 -8.49
C ASN A 14 -10.28 -27.28 -8.09
N ASP A 15 -10.32 -26.00 -7.75
CA ASP A 15 -9.14 -25.40 -7.07
C ASP A 15 -9.41 -25.66 -5.56
N ILE A 16 -8.44 -26.09 -4.75
CA ILE A 16 -8.71 -26.25 -3.29
C ILE A 16 -8.78 -24.82 -2.70
N LYS A 17 -9.77 -24.49 -1.89
CA LYS A 17 -9.87 -23.11 -1.36
C LYS A 17 -10.48 -23.12 0.03
N LEU A 18 -10.22 -22.05 0.77
CA LEU A 18 -10.59 -21.89 2.18
C LEU A 18 -11.23 -20.52 2.41
N PHE A 19 -12.42 -20.50 3.01
CA PHE A 19 -13.03 -19.25 3.50
C PHE A 19 -12.40 -19.04 4.88
N VAL A 20 -11.86 -17.88 5.19
CA VAL A 20 -11.40 -17.60 6.55
C VAL A 20 -12.30 -16.55 7.14
N ASP A 21 -12.95 -16.87 8.27
CA ASP A 21 -13.77 -15.92 9.00
C ASP A 21 -13.14 -15.74 10.37
N ASP A 22 -12.87 -14.49 10.72
CA ASP A 22 -12.21 -14.13 11.99
C ASP A 22 -13.15 -13.55 13.04
N THR A 23 -14.47 -13.61 12.79
N THR A 23 -14.49 -13.60 12.84
CA THR A 23 -15.42 -12.91 13.65
CA THR A 23 -15.41 -12.86 13.70
C THR A 23 -15.29 -13.39 15.09
C THR A 23 -15.57 -13.47 15.09
N ASN A 24 -15.11 -14.69 15.28
CA ASN A 24 -15.17 -15.30 16.60
C ASN A 24 -13.80 -15.57 17.19
N VAL A 25 -12.76 -14.88 16.70
CA VAL A 25 -11.43 -15.09 17.24
C VAL A 25 -11.29 -14.43 18.60
N TYR A 26 -11.68 -13.15 18.68
CA TYR A 26 -11.59 -12.36 19.91
C TYR A 26 -13.00 -12.15 20.44
N ARG A 27 -13.33 -12.82 21.54
CA ARG A 27 -14.66 -12.78 22.11
C ARG A 27 -14.54 -12.32 23.55
N VAL A 28 -15.43 -11.41 23.96
CA VAL A 28 -15.44 -10.89 25.32
C VAL A 28 -16.85 -10.85 25.88
N THR A 29 -16.94 -10.84 27.20
CA THR A 29 -18.11 -10.36 27.90
C THR A 29 -17.73 -9.02 28.53
N VAL A 30 -18.64 -8.07 28.46
CA VAL A 30 -18.45 -6.75 29.05
C VAL A 30 -19.18 -6.73 30.38
N HIS A 31 -18.52 -6.21 31.41
CA HIS A 31 -19.10 -6.21 32.74
C HIS A 31 -18.67 -4.98 33.54
N LYS A 32 -19.38 -4.75 34.64
CA LYS A 32 -19.05 -3.67 35.55
C LYS A 32 -18.02 -4.11 36.58
N THR A 33 -17.15 -3.20 36.95
CA THR A 33 -16.19 -3.42 38.04
C THR A 33 -16.77 -2.92 39.37
N PHE A 34 -16.12 -3.32 40.46
CA PHE A 34 -16.60 -2.91 41.77
C PHE A 34 -16.68 -1.40 41.88
N GLU A 35 -15.74 -0.70 41.27
CA GLU A 35 -15.72 0.76 41.28
C GLU A 35 -16.73 1.35 40.30
N GLY A 36 -17.50 0.52 39.61
CA GLY A 36 -18.49 1.00 38.67
C GLY A 36 -17.96 1.33 37.30
N ASN A 37 -16.73 0.96 36.98
CA ASN A 37 -16.20 1.13 35.64
C ASN A 37 -16.57 -0.10 34.85
N VAL A 38 -16.19 -0.12 33.58
CA VAL A 38 -16.49 -1.25 32.71
C VAL A 38 -15.18 -1.93 32.35
N ALA A 39 -15.22 -3.25 32.27
CA ALA A 39 -14.09 -4.04 31.87
C ALA A 39 -14.57 -5.18 31.00
N THR A 40 -13.63 -5.78 30.28
CA THR A 40 -13.93 -6.95 29.49
C THR A 40 -13.25 -8.18 30.08
N LYS A 41 -13.89 -9.33 29.88
CA LYS A 41 -13.28 -10.63 30.17
C LYS A 41 -13.31 -11.45 28.89
N ALA A 42 -12.15 -11.82 28.38
CA ALA A 42 -12.11 -12.63 27.16
C ALA A 42 -12.60 -14.05 27.44
N ILE A 43 -13.20 -14.65 26.42
CA ILE A 43 -13.53 -16.06 26.42
C ILE A 43 -12.94 -16.71 25.18
N ASN A 44 -12.82 -18.03 25.22
CA ASN A 44 -12.16 -18.73 24.13
C ASN A 44 -12.87 -18.42 22.82
N GLY A 45 -12.08 -18.40 21.76
CA GLY A 45 -12.60 -18.15 20.44
C GLY A 45 -12.11 -19.13 19.41
N CYS A 46 -12.30 -18.81 18.13
CA CYS A 46 -11.93 -19.76 17.11
C CYS A 46 -11.80 -19.04 15.78
N ILE A 47 -10.90 -19.57 14.96
CA ILE A 47 -10.84 -19.21 13.55
C ILE A 47 -11.63 -20.25 12.79
N PHE A 48 -12.47 -19.78 11.85
CA PHE A 48 -13.36 -20.62 11.05
C PHE A 48 -12.74 -20.63 9.64
N THR A 49 -12.15 -21.75 9.26
CA THR A 49 -11.41 -21.89 8.01
C THR A 49 -12.06 -23.05 7.28
N LEU A 50 -13.02 -22.76 6.40
CA LEU A 50 -13.89 -23.81 5.82
C LEU A 50 -13.52 -24.13 4.37
N ASN A 51 -13.69 -25.40 3.98
CA ASN A 51 -13.47 -25.94 2.63
C ASN A 51 -14.81 -26.04 1.91
N PRO A 52 -15.13 -25.14 0.96
CA PRO A 52 -16.38 -25.24 0.24
C PRO A 52 -16.74 -26.58 -0.41
N LYS A 53 -15.78 -27.30 -0.99
CA LYS A 53 -16.09 -28.53 -1.78
C LYS A 53 -16.39 -29.74 -0.88
N THR A 54 -15.96 -29.83 0.37
CA THR A 54 -16.32 -31.03 1.21
C THR A 54 -17.15 -30.77 2.48
N GLY A 55 -17.29 -29.52 2.96
CA GLY A 55 -18.00 -29.14 4.21
C GLY A 55 -17.10 -29.18 5.45
N HIS A 56 -15.81 -29.46 5.27
CA HIS A 56 -14.83 -29.60 6.38
C HIS A 56 -14.59 -28.23 7.00
N LEU A 57 -14.86 -28.05 8.29
CA LEU A 57 -14.63 -26.77 8.99
C LEU A 57 -13.34 -26.96 9.79
N PHE A 58 -12.24 -26.33 9.42
CA PHE A 58 -10.96 -26.49 10.14
C PHE A 58 -10.85 -25.43 11.22
N LEU A 59 -11.43 -25.73 12.38
CA LEU A 59 -11.52 -24.84 13.56
C LEU A 59 -10.21 -24.82 14.38
N LYS A 60 -9.47 -23.69 14.38
CA LYS A 60 -8.39 -23.41 15.30
C LYS A 60 -8.98 -22.70 16.50
N ILE A 61 -8.88 -23.35 17.67
CA ILE A 61 -9.42 -22.79 18.89
C ILE A 61 -8.40 -21.81 19.49
N ILE A 62 -8.87 -20.61 19.78
CA ILE A 62 -8.06 -19.51 20.28
C ILE A 62 -8.30 -19.44 21.79
N HIS A 63 -7.32 -19.89 22.56
CA HIS A 63 -7.48 -19.93 23.99
C HIS A 63 -7.16 -18.56 24.56
N THR A 64 -7.89 -18.18 25.62
CA THR A 64 -7.78 -16.83 26.16
C THR A 64 -6.35 -16.48 26.61
N SER A 65 -5.50 -17.49 26.89
CA SER A 65 -4.13 -17.20 27.27
C SER A 65 -3.36 -16.49 26.17
N VAL A 66 -3.77 -16.61 24.91
N VAL A 66 -3.79 -16.61 24.91
CA VAL A 66 -3.02 -15.89 23.88
CA VAL A 66 -3.18 -15.89 23.80
C VAL A 66 -3.17 -14.38 23.99
C VAL A 66 -3.12 -14.39 24.10
N TRP A 67 -4.16 -13.87 24.72
CA TRP A 67 -4.32 -12.43 24.89
C TRP A 67 -3.61 -11.87 26.12
N ALA A 68 -3.12 -12.74 27.00
CA ALA A 68 -2.56 -12.28 28.27
C ALA A 68 -1.44 -11.28 28.05
N GLY A 69 -1.58 -10.12 28.67
CA GLY A 69 -0.52 -9.11 28.62
C GLY A 69 -0.36 -8.42 27.29
N GLN A 70 -1.30 -8.65 26.39
CA GLN A 70 -1.27 -7.99 25.10
C GLN A 70 -2.20 -6.79 25.07
N LYS A 71 -1.83 -5.83 24.22
CA LYS A 71 -2.58 -4.62 23.97
C LYS A 71 -3.26 -4.69 22.62
N ARG A 72 -4.26 -3.83 22.45
CA ARG A 72 -4.95 -3.62 21.18
C ARG A 72 -5.43 -4.95 20.62
N LEU A 73 -6.25 -5.63 21.42
CA LEU A 73 -6.55 -7.04 21.12
C LEU A 73 -7.34 -7.19 19.83
N SER A 74 -8.22 -6.26 19.50
CA SER A 74 -8.96 -6.43 18.24
C SER A 74 -8.02 -6.36 17.03
N GLN A 75 -7.00 -5.50 17.09
CA GLN A 75 -6.00 -5.51 16.02
C GLN A 75 -5.16 -6.78 16.06
N LEU A 76 -4.72 -7.19 17.25
CA LEU A 76 -3.89 -8.39 17.34
C LEU A 76 -4.64 -9.61 16.82
N ALA A 77 -5.94 -9.68 17.08
CA ALA A 77 -6.70 -10.84 16.68
C ALA A 77 -6.62 -11.05 15.17
N LYS A 78 -6.54 -9.98 14.40
CA LYS A 78 -6.49 -10.17 12.95
C LYS A 78 -5.14 -10.77 12.55
N TRP A 79 -4.07 -10.29 13.20
CA TRP A 79 -2.73 -10.77 12.93
C TRP A 79 -2.54 -12.19 13.42
N LYS A 80 -3.12 -12.52 14.59
CA LYS A 80 -3.09 -13.90 15.07
C LYS A 80 -3.85 -14.83 14.14
N THR A 81 -5.00 -14.39 13.65
CA THR A 81 -5.71 -15.14 12.62
C THR A 81 -4.81 -15.40 11.44
N ALA A 82 -4.17 -14.35 10.92
CA ALA A 82 -3.32 -14.56 9.75
C ALA A 82 -2.14 -15.46 10.04
N GLU A 83 -1.50 -15.32 11.21
CA GLU A 83 -0.42 -16.22 11.61
C GLU A 83 -0.87 -17.67 11.61
N GLU A 84 -2.03 -17.96 12.20
CA GLU A 84 -2.51 -19.34 12.27
C GLU A 84 -2.92 -19.90 10.91
N VAL A 85 -3.51 -19.09 10.04
CA VAL A 85 -3.88 -19.55 8.66
C VAL A 85 -2.58 -19.86 7.93
N SER A 86 -1.60 -18.95 8.01
N SER A 86 -1.61 -18.96 7.99
CA SER A 86 -0.30 -19.18 7.33
CA SER A 86 -0.30 -19.18 7.35
C SER A 86 0.32 -20.49 7.84
C SER A 86 0.30 -20.50 7.84
N ALA A 87 0.27 -20.69 9.17
CA ALA A 87 0.85 -21.94 9.76
C ALA A 87 0.13 -23.17 9.22
N LEU A 88 -1.17 -23.08 8.96
CA LEU A 88 -1.96 -24.20 8.38
C LEU A 88 -1.53 -24.42 6.92
N VAL A 89 -1.43 -23.38 6.08
CA VAL A 89 -0.97 -23.50 4.68
C VAL A 89 0.44 -24.13 4.70
N ARG A 90 1.28 -23.86 5.69
CA ARG A 90 2.64 -24.42 5.67
C ARG A 90 2.64 -25.88 6.12
N SER A 91 1.83 -26.22 7.11
CA SER A 91 1.80 -27.61 7.63
C SER A 91 1.47 -28.56 6.48
N LEU A 92 0.62 -28.07 5.60
CA LEU A 92 0.05 -28.83 4.49
C LEU A 92 1.09 -29.24 3.49
N PRO A 93 0.97 -30.45 2.89
CA PRO A 93 1.77 -30.72 1.76
C PRO A 93 1.29 -29.77 0.64
N LYS A 94 2.15 -29.66 -0.31
CA LYS A 94 2.00 -28.73 -1.42
C LYS A 94 0.73 -28.96 -2.23
N GLU A 95 0.50 -30.14 -2.79
CA GLU A 95 -0.67 -30.33 -3.66
C GLU A 95 -1.97 -30.01 -2.87
N GLU A 96 -1.95 -30.06 -1.53
CA GLU A 96 -3.10 -29.84 -0.63
C GLU A 96 -3.28 -28.39 -0.19
N GLN A 97 -2.29 -27.54 -0.41
CA GLN A 97 -2.35 -26.13 -0.03
C GLN A 97 -3.48 -25.47 -0.81
N PRO A 98 -4.41 -24.66 -0.26
CA PRO A 98 -5.38 -23.97 -1.12
C PRO A 98 -4.69 -23.09 -2.19
N LYS A 99 -5.47 -22.72 -3.21
N LYS A 99 -5.46 -22.71 -3.21
CA LYS A 99 -4.97 -21.89 -4.34
CA LYS A 99 -4.91 -21.88 -4.33
C LYS A 99 -5.21 -20.40 -4.07
C LYS A 99 -5.23 -20.38 -4.10
N GLN A 100 -6.35 -20.15 -3.43
CA GLN A 100 -6.97 -18.90 -3.04
C GLN A 100 -7.46 -19.01 -1.59
N ILE A 101 -7.37 -17.91 -0.87
CA ILE A 101 -7.96 -17.77 0.47
C ILE A 101 -8.87 -16.57 0.38
N ILE A 102 -10.16 -16.77 0.63
CA ILE A 102 -11.15 -15.69 0.65
C ILE A 102 -11.46 -15.31 2.10
N VAL A 103 -11.19 -14.04 2.47
CA VAL A 103 -11.47 -13.54 3.82
C VAL A 103 -12.85 -12.92 3.85
N THR A 104 -13.60 -13.20 4.90
CA THR A 104 -14.96 -12.69 4.98
C THR A 104 -15.02 -11.21 5.38
N ARG A 105 -13.95 -10.67 5.94
CA ARG A 105 -13.88 -9.26 6.34
C ARG A 105 -12.62 -8.62 5.76
N LYS A 106 -12.80 -7.45 5.12
CA LYS A 106 -11.70 -6.85 4.39
C LYS A 106 -10.53 -6.48 5.29
N ALA A 107 -10.76 -6.30 6.59
CA ALA A 107 -9.67 -5.97 7.49
C ALA A 107 -8.66 -7.11 7.62
N MET A 108 -9.02 -8.33 7.19
CA MET A 108 -8.08 -9.44 7.19
C MET A 108 -7.14 -9.45 6.00
N LEU A 109 -7.32 -8.57 4.99
CA LEU A 109 -6.53 -8.70 3.79
C LEU A 109 -5.05 -8.43 4.05
N ASP A 110 -4.73 -7.27 4.60
CA ASP A 110 -3.32 -6.94 4.79
C ASP A 110 -2.63 -7.90 5.77
N PRO A 111 -3.22 -8.22 6.92
CA PRO A 111 -2.57 -9.20 7.79
C PRO A 111 -2.29 -10.52 7.10
N LEU A 112 -3.26 -11.03 6.33
CA LEU A 112 -3.04 -12.31 5.70
C LEU A 112 -2.03 -12.18 4.55
N GLU A 113 -2.14 -11.12 3.74
CA GLU A 113 -1.14 -10.93 2.69
C GLU A 113 0.28 -10.91 3.25
N VAL A 114 0.49 -10.16 4.33
CA VAL A 114 1.83 -10.06 4.89
C VAL A 114 2.30 -11.42 5.41
N HIS A 115 1.42 -12.16 6.07
CA HIS A 115 1.84 -13.47 6.59
C HIS A 115 2.07 -14.50 5.51
N MET A 116 1.55 -14.27 4.31
CA MET A 116 1.63 -15.23 3.22
C MET A 116 2.61 -14.79 2.14
N LEU A 117 3.54 -13.87 2.49
CA LEU A 117 4.49 -13.38 1.49
C LEU A 117 5.30 -14.51 0.86
N ASP A 118 5.55 -15.58 1.62
CA ASP A 118 6.28 -16.73 1.12
C ASP A 118 5.49 -17.53 0.11
N PHE A 119 4.20 -17.23 -0.08
CA PHE A 119 3.32 -17.94 -1.00
C PHE A 119 2.77 -16.93 -2.00
N PRO A 120 3.63 -16.39 -2.87
CA PRO A 120 3.15 -15.37 -3.81
C PRO A 120 2.09 -15.89 -4.76
N ASN A 121 2.01 -17.19 -4.99
CA ASN A 121 1.04 -17.79 -5.89
C ASN A 121 -0.29 -18.13 -5.22
N ILE A 122 -0.48 -17.86 -3.93
CA ILE A 122 -1.78 -18.01 -3.30
C ILE A 122 -2.49 -16.67 -3.29
N ALA A 123 -3.63 -16.59 -3.98
CA ALA A 123 -4.37 -15.33 -4.06
C ALA A 123 -5.17 -15.10 -2.76
N ILE A 124 -5.06 -13.89 -2.24
CA ILE A 124 -5.80 -13.47 -1.04
C ILE A 124 -6.89 -12.52 -1.52
N ARG A 125 -8.15 -12.91 -1.32
CA ARG A 125 -9.28 -12.24 -1.91
C ARG A 125 -10.31 -11.82 -0.86
N PRO A 126 -10.94 -10.67 -1.04
CA PRO A 126 -12.12 -10.33 -0.25
C PRO A 126 -13.38 -10.90 -0.90
N THR A 127 -14.52 -10.66 -0.25
CA THR A 127 -15.79 -11.03 -0.86
C THR A 127 -16.85 -9.97 -0.60
N GLU A 128 -17.76 -9.83 -1.57
N GLU A 128 -17.77 -9.81 -1.55
CA GLU A 128 -18.96 -8.99 -1.43
CA GLU A 128 -18.94 -8.96 -1.31
C GLU A 128 -20.14 -9.75 -0.82
C GLU A 128 -20.11 -9.74 -0.71
N LEU A 129 -20.01 -11.07 -0.63
CA LEU A 129 -21.05 -11.84 0.03
C LEU A 129 -21.06 -11.57 1.53
N ARG A 130 -22.25 -11.55 2.11
CA ARG A 130 -22.44 -11.39 3.56
C ARG A 130 -22.71 -12.79 4.09
N LEU A 131 -21.65 -13.45 4.42
CA LEU A 131 -21.75 -14.83 4.81
C LEU A 131 -21.99 -14.92 6.32
N PRO A 132 -22.76 -15.89 6.74
CA PRO A 132 -23.20 -15.93 8.13
C PRO A 132 -22.30 -16.77 9.03
N PHE A 133 -21.01 -16.83 8.71
CA PHE A 133 -20.13 -17.74 9.44
C PHE A 133 -19.96 -17.35 10.89
N SER A 134 -20.27 -16.12 11.28
CA SER A 134 -20.19 -15.76 12.69
C SER A 134 -21.10 -16.66 13.53
N ALA A 135 -22.15 -17.17 12.96
CA ALA A 135 -23.08 -18.04 13.68
C ALA A 135 -22.52 -19.43 13.91
N ALA A 136 -21.26 -19.72 13.59
CA ALA A 136 -20.73 -21.05 13.79
C ALA A 136 -20.78 -21.43 15.27
N MET A 137 -20.67 -20.46 16.14
CA MET A 137 -20.73 -20.80 17.55
C MET A 137 -22.14 -21.05 18.03
N SER A 138 -23.13 -21.04 17.13
CA SER A 138 -24.46 -21.52 17.44
C SER A 138 -24.63 -22.99 17.13
N ILE A 139 -23.62 -23.63 16.54
CA ILE A 139 -23.59 -25.07 16.38
C ILE A 139 -23.06 -25.66 17.67
N ASP A 140 -23.89 -26.47 18.33
CA ASP A 140 -23.59 -26.86 19.70
C ASP A 140 -22.26 -27.60 19.83
N LYS A 141 -21.96 -28.52 18.91
CA LYS A 141 -20.73 -29.29 19.05
C LYS A 141 -19.50 -28.40 18.83
N LEU A 142 -19.61 -27.36 17.99
CA LEU A 142 -18.48 -26.47 17.80
C LEU A 142 -18.30 -25.57 19.01
N SER A 143 -19.39 -24.98 19.52
CA SER A 143 -19.30 -24.17 20.72
C SER A 143 -18.73 -24.97 21.89
N ASP A 144 -19.11 -26.25 21.99
CA ASP A 144 -18.66 -27.03 23.14
C ASP A 144 -17.16 -27.25 23.10
N VAL A 145 -16.60 -27.56 21.92
CA VAL A 145 -15.18 -27.82 21.87
C VAL A 145 -14.42 -26.55 22.13
N VAL A 146 -14.94 -25.41 21.68
CA VAL A 146 -14.25 -24.14 21.92
C VAL A 146 -14.26 -23.79 23.41
N MET A 147 -15.43 -23.90 24.04
N MET A 147 -15.42 -23.89 24.06
N MET A 147 -15.42 -23.88 24.05
CA MET A 147 -15.58 -23.48 25.43
CA MET A 147 -15.53 -23.46 25.44
CA MET A 147 -15.52 -23.47 25.45
C MET A 147 -14.85 -24.41 26.39
C MET A 147 -14.79 -24.40 26.39
C MET A 147 -14.76 -24.39 26.39
N LYS A 148 -14.63 -25.67 26.03
CA LYS A 148 -13.94 -26.62 26.90
C LYS A 148 -12.42 -26.59 26.78
N ALA A 149 -11.88 -25.93 25.75
CA ALA A 149 -10.46 -26.01 25.49
C ALA A 149 -9.68 -25.33 26.61
N THR A 150 -8.61 -25.99 27.03
CA THR A 150 -7.71 -25.47 28.07
C THR A 150 -6.39 -24.99 27.52
N GLU A 151 -6.19 -25.13 26.20
CA GLU A 151 -4.95 -24.75 25.54
C GLU A 151 -5.28 -24.59 24.07
N PRO A 152 -4.40 -23.96 23.31
CA PRO A 152 -4.61 -23.88 21.86
C PRO A 152 -4.76 -25.26 21.24
N GLN A 153 -5.67 -25.38 20.26
CA GLN A 153 -5.96 -26.68 19.71
C GLN A 153 -6.60 -26.47 18.36
N MET A 154 -6.32 -27.37 17.43
CA MET A 154 -6.99 -27.43 16.12
C MET A 154 -7.87 -28.67 16.10
N VAL A 155 -9.24 -28.52 15.99
CA VAL A 155 -10.31 -29.58 16.01
C VAL A 155 -11.16 -29.48 14.73
N LEU A 156 -11.35 -30.55 13.93
CA LEU A 156 -12.13 -30.41 12.67
C LEU A 156 -13.54 -30.99 12.74
N PHE A 157 -14.40 -30.48 11.87
CA PHE A 157 -15.78 -30.92 11.63
C PHE A 157 -16.03 -30.89 10.11
N ASN A 158 -16.14 -31.99 9.37
CA ASN A 158 -16.80 -31.80 8.07
C ASN A 158 -18.14 -31.14 8.33
N ILE A 159 -18.29 -29.89 7.92
CA ILE A 159 -19.47 -29.10 8.29
C ILE A 159 -20.70 -29.52 7.48
N TYR A 160 -20.51 -30.36 6.47
CA TYR A 160 -21.59 -30.90 5.65
C TYR A 160 -22.02 -32.28 6.09
N ASP A 161 -21.45 -32.80 7.17
CA ASP A 161 -21.75 -34.20 7.58
C ASP A 161 -21.52 -35.09 6.36
N ASP A 162 -22.48 -35.95 5.98
CA ASP A 162 -22.39 -36.84 4.83
C ASP A 162 -23.21 -36.32 3.66
N TRP A 163 -23.57 -35.03 3.65
CA TRP A 163 -24.50 -34.54 2.63
C TRP A 163 -23.96 -34.74 1.22
N LEU A 164 -22.65 -34.69 1.05
CA LEU A 164 -22.09 -34.74 -0.29
C LEU A 164 -22.29 -36.11 -0.93
N ASP A 165 -22.68 -37.12 -0.16
CA ASP A 165 -23.05 -38.40 -0.76
C ASP A 165 -24.34 -38.30 -1.56
N ARG A 166 -25.19 -37.33 -1.22
CA ARG A 166 -26.49 -37.17 -1.88
C ARG A 166 -26.64 -35.88 -2.68
N ILE A 167 -25.93 -34.80 -2.33
CA ILE A 167 -26.07 -33.51 -3.00
C ILE A 167 -24.73 -32.96 -3.43
N SER A 168 -24.79 -31.95 -4.30
CA SER A 168 -23.56 -31.34 -4.76
C SER A 168 -23.06 -30.33 -3.74
N SER A 169 -21.80 -29.93 -3.92
N SER A 169 -21.81 -29.89 -3.92
CA SER A 169 -21.21 -28.92 -3.05
CA SER A 169 -21.26 -28.92 -2.97
C SER A 169 -22.01 -27.63 -3.11
C SER A 169 -21.91 -27.54 -3.12
N TYR A 170 -22.43 -27.20 -4.31
CA TYR A 170 -23.22 -25.98 -4.39
C TYR A 170 -24.42 -26.08 -3.47
N THR A 171 -25.15 -27.20 -3.54
CA THR A 171 -26.37 -27.33 -2.77
C THR A 171 -26.05 -27.43 -1.28
N ALA A 172 -24.98 -28.14 -0.95
CA ALA A 172 -24.52 -28.23 0.44
C ALA A 172 -24.17 -26.86 1.02
N PHE A 173 -23.38 -26.07 0.28
CA PHE A 173 -23.07 -24.73 0.75
C PHE A 173 -24.33 -23.89 0.91
N SER A 174 -25.26 -23.97 -0.04
CA SER A 174 -26.50 -23.23 0.12
C SER A 174 -27.28 -23.67 1.36
N ARG A 175 -27.26 -24.96 1.68
CA ARG A 175 -27.96 -25.39 2.87
C ARG A 175 -27.27 -24.87 4.11
N LEU A 176 -25.94 -24.94 4.11
CA LEU A 176 -25.18 -24.48 5.26
C LEU A 176 -25.42 -23.00 5.52
N THR A 177 -25.38 -22.19 4.45
CA THR A 177 -25.53 -20.75 4.64
C THR A 177 -26.95 -20.43 5.06
N LEU A 178 -27.95 -21.19 4.61
CA LEU A 178 -29.31 -20.99 5.08
C LEU A 178 -29.45 -21.33 6.57
N LEU A 179 -28.90 -22.46 6.98
CA LEU A 179 -28.94 -22.84 8.39
C LEU A 179 -28.27 -21.79 9.24
N LEU A 180 -27.14 -21.28 8.78
CA LEU A 180 -26.38 -20.36 9.63
C LEU A 180 -27.02 -18.97 9.65
N ARG A 181 -27.53 -18.52 8.52
CA ARG A 181 -28.27 -17.27 8.52
C ARG A 181 -29.47 -17.34 9.45
N ALA A 182 -30.16 -18.48 9.47
CA ALA A 182 -31.28 -18.66 10.40
C ALA A 182 -30.78 -18.53 11.83
N LEU A 183 -29.80 -19.36 12.19
CA LEU A 183 -29.23 -19.31 13.53
C LEU A 183 -28.80 -17.90 13.90
N LYS A 184 -28.32 -17.13 12.93
CA LYS A 184 -27.86 -15.78 13.21
C LYS A 184 -29.02 -14.81 13.44
N THR A 185 -30.14 -14.99 12.74
N THR A 185 -30.14 -15.00 12.74
CA THR A 185 -31.25 -14.04 12.87
CA THR A 185 -31.24 -14.05 12.85
C THR A 185 -32.12 -14.35 14.07
C THR A 185 -32.14 -14.35 14.06
N ASN A 186 -32.26 -15.62 14.43
CA ASN A 186 -33.10 -15.99 15.57
C ASN A 186 -32.66 -17.41 15.99
N GLU A 187 -31.65 -17.45 16.85
CA GLU A 187 -31.03 -18.71 17.22
C GLU A 187 -32.01 -19.65 17.93
N GLU A 188 -32.89 -19.10 18.77
CA GLU A 188 -33.81 -19.97 19.50
C GLU A 188 -34.75 -20.70 18.54
N SER A 189 -35.47 -19.93 17.72
CA SER A 189 -36.37 -20.52 16.73
C SER A 189 -35.62 -21.51 15.86
N ALA A 190 -34.52 -21.08 15.25
CA ALA A 190 -33.74 -21.94 14.38
C ALA A 190 -33.46 -23.28 15.05
N LYS A 191 -33.05 -23.26 16.31
CA LYS A 191 -32.68 -24.50 16.98
C LYS A 191 -33.93 -25.32 17.31
N MET A 192 -35.02 -24.67 17.67
CA MET A 192 -36.29 -25.37 17.84
CA MET A 192 -36.29 -25.36 17.84
C MET A 192 -36.64 -26.15 16.57
N ILE A 193 -36.55 -25.49 15.42
CA ILE A 193 -36.84 -26.15 14.15
C ILE A 193 -35.99 -27.39 13.99
N LEU A 194 -34.70 -27.26 14.25
CA LEU A 194 -33.78 -28.35 13.98
C LEU A 194 -34.00 -29.53 14.91
N LEU A 195 -34.52 -29.30 16.12
CA LEU A 195 -34.66 -30.35 17.11
C LEU A 195 -36.11 -30.56 17.55
N SER A 196 -37.09 -29.99 16.83
CA SER A 196 -38.48 -30.11 17.27
C SER A 196 -38.91 -31.56 17.40
N ASP A 197 -38.46 -32.43 16.48
CA ASP A 197 -38.96 -33.80 16.39
C ASP A 197 -38.00 -34.75 17.06
N PRO A 198 -38.35 -35.35 18.21
CA PRO A 198 -37.37 -36.17 18.94
C PRO A 198 -36.87 -37.42 18.21
N THR A 199 -37.44 -37.79 17.06
CA THR A 199 -37.04 -39.03 16.41
C THR A 199 -35.87 -38.85 15.44
N ILE A 200 -35.56 -37.62 15.05
CA ILE A 200 -34.43 -37.34 14.17
C ILE A 200 -33.25 -36.98 15.06
N THR A 201 -32.19 -37.77 14.99
CA THR A 201 -31.05 -37.60 15.89
C THR A 201 -29.84 -37.08 15.13
N ILE A 202 -28.89 -36.55 15.89
CA ILE A 202 -27.58 -36.17 15.39
C ILE A 202 -26.63 -37.32 15.70
N LYS A 203 -26.02 -37.89 14.67
CA LYS A 203 -25.10 -38.98 14.91
C LYS A 203 -23.90 -38.46 15.68
N SER A 204 -23.24 -39.35 16.42
CA SER A 204 -22.09 -38.93 17.22
C SER A 204 -21.00 -38.25 16.38
N TYR A 205 -20.83 -38.67 15.12
CA TYR A 205 -19.77 -38.18 14.25
C TYR A 205 -20.21 -37.03 13.35
N HIS A 206 -21.37 -36.43 13.63
CA HIS A 206 -21.98 -35.39 12.79
C HIS A 206 -22.30 -34.16 13.62
N LEU A 207 -22.58 -33.06 12.91
CA LEU A 207 -22.94 -31.81 13.56
C LEU A 207 -24.43 -31.50 13.51
N TRP A 208 -25.14 -31.95 12.47
CA TRP A 208 -26.53 -31.64 12.21
C TRP A 208 -27.34 -32.93 12.24
N PRO A 209 -28.67 -32.83 12.34
CA PRO A 209 -29.49 -34.03 12.42
C PRO A 209 -29.49 -34.83 11.13
N SER A 210 -29.86 -36.11 11.27
CA SER A 210 -29.91 -37.04 10.15
C SER A 210 -31.29 -36.93 9.47
N PHE A 211 -31.47 -35.88 8.68
CA PHE A 211 -32.72 -35.63 7.99
C PHE A 211 -32.75 -36.39 6.68
N THR A 212 -33.93 -36.91 6.33
CA THR A 212 -34.13 -37.45 5.00
C THR A 212 -34.15 -36.32 3.98
N ASP A 213 -34.01 -36.69 2.70
CA ASP A 213 -34.16 -35.71 1.63
C ASP A 213 -35.45 -34.91 1.77
N GLU A 214 -36.57 -35.59 2.02
CA GLU A 214 -37.84 -34.90 2.19
C GLU A 214 -37.82 -34.02 3.43
N GLN A 215 -37.24 -34.51 4.53
CA GLN A 215 -37.20 -33.72 5.74
C GLN A 215 -36.32 -32.49 5.58
N TRP A 216 -35.24 -32.59 4.81
CA TRP A 216 -34.41 -31.41 4.55
C TRP A 216 -35.19 -30.33 3.82
N ILE A 217 -36.06 -30.74 2.88
CA ILE A 217 -36.86 -29.75 2.19
C ILE A 217 -37.82 -29.07 3.15
N THR A 218 -38.44 -29.83 4.05
CA THR A 218 -39.27 -29.23 5.09
C THR A 218 -38.44 -28.31 5.97
N ILE A 219 -37.29 -28.79 6.45
CA ILE A 219 -36.44 -27.97 7.31
C ILE A 219 -36.05 -26.69 6.58
N GLU A 220 -35.54 -26.83 5.37
CA GLU A 220 -35.09 -25.66 4.61
C GLU A 220 -36.19 -24.64 4.43
N SER A 221 -37.43 -25.12 4.21
N SER A 221 -37.43 -25.12 4.17
CA SER A 221 -38.55 -24.21 4.06
CA SER A 221 -38.54 -24.18 4.06
C SER A 221 -38.86 -23.47 5.36
C SER A 221 -38.80 -23.46 5.37
N GLN A 222 -38.76 -24.18 6.49
CA GLN A 222 -39.01 -23.54 7.78
C GLN A 222 -37.95 -22.49 8.07
N MET A 223 -36.71 -22.71 7.64
CA MET A 223 -35.66 -21.73 7.88
C MET A 223 -35.88 -20.46 7.06
N ARG A 224 -36.29 -20.61 5.80
N ARG A 224 -36.31 -20.62 5.81
CA ARG A 224 -36.63 -19.46 4.98
CA ARG A 224 -36.62 -19.44 4.99
C ARG A 224 -37.76 -18.66 5.63
C ARG A 224 -37.78 -18.65 5.58
N ASP A 225 -38.81 -19.36 6.10
CA ASP A 225 -39.89 -18.66 6.79
CA ASP A 225 -39.88 -18.66 6.79
C ASP A 225 -39.35 -17.86 7.98
N LEU A 226 -38.61 -18.53 8.86
CA LEU A 226 -38.03 -17.86 10.02
C LEU A 226 -37.27 -16.61 9.61
N ILE A 227 -36.46 -16.70 8.55
CA ILE A 227 -35.70 -15.54 8.11
C ILE A 227 -36.60 -14.45 7.59
N LEU A 228 -37.60 -14.82 6.77
CA LEU A 228 -38.57 -13.85 6.32
C LEU A 228 -39.37 -13.29 7.49
N THR A 229 -39.87 -14.17 8.37
CA THR A 229 -40.49 -13.76 9.62
C THR A 229 -39.66 -12.67 10.30
N GLU A 230 -38.50 -13.05 10.84
CA GLU A 230 -37.65 -12.07 11.53
C GLU A 230 -37.45 -10.81 10.72
N TYR A 231 -37.41 -10.92 9.40
CA TYR A 231 -37.26 -9.74 8.56
C TYR A 231 -38.50 -8.85 8.61
N GLY A 232 -39.64 -9.42 8.98
CA GLY A 232 -40.85 -8.63 9.22
C GLY A 232 -40.91 -8.14 10.64
N ARG A 233 -40.74 -9.05 11.61
CA ARG A 233 -40.64 -8.65 13.01
C ARG A 233 -39.65 -7.51 13.18
N LYS A 234 -38.60 -7.46 12.35
CA LYS A 234 -37.58 -6.43 12.48
C LYS A 234 -38.01 -5.12 11.84
N TYR A 235 -38.46 -5.17 10.59
CA TYR A 235 -38.86 -3.98 9.85
C TYR A 235 -40.35 -3.70 9.91
N ASN A 236 -41.14 -4.57 10.54
CA ASN A 236 -42.60 -4.40 10.67
C ASN A 236 -43.29 -4.43 9.30
N VAL A 237 -43.23 -5.62 8.68
CA VAL A 237 -43.77 -5.82 7.34
C VAL A 237 -44.73 -7.00 7.28
N MET B 5 30.62 32.05 -11.06
CA MET B 5 29.28 31.95 -11.75
C MET B 5 29.41 31.34 -13.16
N ASN B 6 28.74 30.22 -13.39
CA ASN B 6 28.89 29.52 -14.65
C ASN B 6 27.75 29.80 -15.62
N THR B 7 27.97 29.31 -16.83
CA THR B 7 27.17 29.66 -17.98
C THR B 7 26.83 28.41 -18.75
N VAL B 8 25.62 28.35 -19.27
CA VAL B 8 25.20 27.32 -20.21
C VAL B 8 24.76 28.01 -21.49
N PRO B 9 25.65 28.14 -22.47
CA PRO B 9 25.27 28.79 -23.72
C PRO B 9 24.35 27.92 -24.55
N PHE B 10 23.57 28.58 -25.40
CA PHE B 10 22.71 27.90 -26.38
C PHE B 10 23.24 28.27 -27.76
N THR B 11 23.41 27.27 -28.61
CA THR B 11 23.76 27.57 -29.99
C THR B 11 22.73 28.48 -30.65
N SER B 12 21.45 28.18 -30.48
CA SER B 12 20.35 28.99 -30.98
C SER B 12 19.06 28.49 -30.32
N ALA B 13 17.94 29.13 -30.69
CA ALA B 13 16.61 28.73 -30.22
C ALA B 13 15.66 28.66 -31.40
N PRO B 14 15.70 27.59 -32.18
CA PRO B 14 14.91 27.56 -33.42
C PRO B 14 13.45 27.29 -33.22
N ILE B 15 13.04 26.75 -32.06
CA ILE B 15 11.63 26.54 -31.79
C ILE B 15 11.21 27.23 -30.51
N GLU B 16 10.00 27.76 -30.54
CA GLU B 16 9.43 28.47 -29.42
C GLU B 16 9.26 27.50 -28.25
N VAL B 17 9.72 27.92 -27.08
CA VAL B 17 9.89 26.99 -25.95
C VAL B 17 9.85 27.79 -24.66
N THR B 18 9.23 27.20 -23.64
CA THR B 18 9.36 27.68 -22.27
C THR B 18 10.56 26.96 -21.66
N ILE B 19 11.53 27.74 -21.18
CA ILE B 19 12.76 27.19 -20.63
C ILE B 19 12.72 27.38 -19.12
N GLY B 20 12.98 26.33 -18.39
CA GLY B 20 13.11 26.41 -16.95
C GLY B 20 14.58 26.28 -16.55
N ILE B 21 14.97 27.01 -15.52
CA ILE B 21 16.27 26.78 -14.92
C ILE B 21 16.00 26.79 -13.43
N ASP B 22 16.17 25.64 -12.81
CA ASP B 22 15.74 25.42 -11.43
C ASP B 22 14.28 25.88 -11.32
N GLN B 23 13.93 26.68 -10.31
CA GLN B 23 12.56 27.08 -10.05
C GLN B 23 12.10 28.27 -10.89
N TYR B 24 12.92 28.75 -11.80
CA TYR B 24 12.60 29.89 -12.64
C TYR B 24 12.24 29.43 -14.04
N SER B 25 11.45 30.21 -14.73
CA SER B 25 11.04 29.87 -16.10
C SER B 25 10.84 31.15 -16.90
N PHE B 26 11.07 31.08 -18.20
CA PHE B 26 10.95 32.20 -19.13
C PHE B 26 10.60 31.64 -20.49
N ASN B 27 10.02 32.46 -21.32
CA ASN B 27 9.55 32.06 -22.66
C ASN B 27 10.53 32.60 -23.69
N VAL B 28 10.89 31.79 -24.69
CA VAL B 28 11.79 32.22 -25.80
C VAL B 28 11.01 32.03 -27.08
N LYS B 29 11.01 33.00 -28.00
CA LYS B 29 10.22 32.98 -29.26
C LYS B 29 10.89 32.15 -30.36
N GLU B 30 10.15 31.60 -31.33
CA GLU B 30 10.76 30.88 -32.43
C GLU B 30 11.79 31.75 -33.14
N ASN B 31 12.99 31.22 -33.39
CA ASN B 31 14.14 31.93 -34.00
C ASN B 31 14.45 33.20 -33.24
N GLN B 32 14.28 33.23 -31.92
CA GLN B 32 14.63 34.43 -31.13
C GLN B 32 16.14 34.43 -31.01
N PRO B 33 16.86 35.55 -31.15
CA PRO B 33 18.30 35.51 -30.95
C PRO B 33 18.60 35.50 -29.43
N PHE B 34 18.53 34.31 -28.83
CA PHE B 34 18.71 33.96 -27.41
C PHE B 34 19.89 33.00 -27.35
N HIS B 35 20.88 33.24 -26.52
CA HIS B 35 22.07 32.39 -26.49
C HIS B 35 22.46 31.92 -25.08
N GLY B 36 21.54 31.73 -24.14
CA GLY B 36 21.77 30.90 -22.99
C GLY B 36 21.58 31.62 -21.67
N ILE B 37 22.06 30.97 -20.62
CA ILE B 37 21.84 31.36 -19.23
C ILE B 37 23.19 31.53 -18.56
N LYS B 38 23.40 32.70 -17.97
CA LYS B 38 24.63 33.03 -17.26
C LYS B 38 24.35 33.21 -15.77
N ASP B 39 25.44 33.41 -15.03
CA ASP B 39 25.40 33.69 -13.60
C ASP B 39 24.78 32.55 -12.79
N ILE B 40 24.99 31.31 -13.25
CA ILE B 40 24.45 30.16 -12.55
C ILE B 40 25.31 29.89 -11.30
N PRO B 41 24.70 29.80 -10.12
CA PRO B 41 25.47 29.62 -8.88
C PRO B 41 26.23 28.31 -8.84
N ILE B 42 27.48 28.42 -8.49
CA ILE B 42 28.32 27.27 -8.30
C ILE B 42 28.05 26.69 -6.92
N GLY B 43 28.06 25.38 -6.85
CA GLY B 43 27.96 24.66 -5.62
C GLY B 43 26.73 23.85 -5.46
N HIS B 44 25.81 23.93 -6.46
CA HIS B 44 24.59 23.18 -6.39
C HIS B 44 24.45 22.44 -7.71
N VAL B 45 23.68 21.38 -7.68
N VAL B 45 23.74 21.32 -7.67
CA VAL B 45 23.19 20.77 -8.91
CA VAL B 45 23.21 20.80 -8.94
C VAL B 45 22.03 21.61 -9.44
C VAL B 45 22.21 21.81 -9.48
N HIS B 46 21.91 21.68 -10.77
CA HIS B 46 20.91 22.51 -11.40
C HIS B 46 20.14 21.65 -12.40
N VAL B 47 18.99 22.13 -12.80
CA VAL B 47 18.21 21.47 -13.86
C VAL B 47 17.79 22.52 -14.87
N ILE B 48 18.01 22.22 -16.15
N ILE B 48 18.07 22.26 -16.14
CA ILE B 48 17.50 23.08 -17.19
CA ILE B 48 17.53 23.08 -17.22
C ILE B 48 16.47 22.29 -17.98
C ILE B 48 16.43 22.25 -17.88
N HIS B 49 15.28 22.87 -18.13
CA HIS B 49 14.15 22.08 -18.61
C HIS B 49 13.33 22.83 -19.62
N PHE B 50 12.52 22.07 -20.37
CA PHE B 50 11.95 22.56 -21.61
C PHE B 50 10.53 22.08 -21.78
N GLN B 51 9.69 22.99 -22.24
CA GLN B 51 8.35 22.62 -22.71
C GLN B 51 8.10 23.36 -24.01
N HIS B 52 7.94 22.61 -25.08
CA HIS B 52 7.79 23.27 -26.37
C HIS B 52 6.41 23.95 -26.42
N ALA B 53 6.34 25.07 -27.14
CA ALA B 53 5.08 25.78 -27.26
C ALA B 53 4.07 25.01 -28.08
N ASP B 54 4.52 24.26 -29.08
CA ASP B 54 3.62 23.56 -29.98
C ASP B 54 3.16 22.22 -29.44
N ASN B 55 3.87 21.66 -28.46
CA ASN B 55 3.48 20.36 -27.89
C ASN B 55 3.91 20.38 -26.43
N SER B 56 2.99 20.81 -25.56
CA SER B 56 3.24 20.73 -24.13
C SER B 56 3.38 19.29 -23.66
N SER B 57 3.08 18.31 -24.51
CA SER B 57 3.43 16.93 -24.17
C SER B 57 4.94 16.81 -24.08
N MET B 58 5.39 16.05 -23.08
N MET B 58 5.36 16.09 -23.05
CA MET B 58 6.81 15.89 -22.85
CA MET B 58 6.77 15.84 -22.77
C MET B 58 7.43 17.20 -22.35
C MET B 58 7.49 17.11 -22.32
N ARG B 59 7.38 17.42 -21.03
CA ARG B 59 8.39 18.25 -20.41
C ARG B 59 9.65 17.39 -20.34
N TYR B 60 10.83 17.98 -20.57
CA TYR B 60 12.06 17.21 -20.50
C TYR B 60 13.17 18.15 -20.04
N GLY B 61 14.27 17.59 -19.55
CA GLY B 61 15.35 18.45 -19.06
C GLY B 61 16.59 17.69 -18.68
N TYR B 62 17.56 18.45 -18.16
CA TYR B 62 18.86 17.92 -17.87
C TYR B 62 19.34 18.37 -16.51
N TRP B 63 19.75 17.43 -15.69
CA TRP B 63 20.41 17.71 -14.44
C TRP B 63 21.91 17.81 -14.69
N PHE B 64 22.57 18.84 -14.11
CA PHE B 64 23.97 19.07 -14.35
C PHE B 64 24.56 19.84 -13.18
N ASP B 65 25.90 19.84 -13.14
CA ASP B 65 26.70 20.55 -12.15
C ASP B 65 27.86 21.14 -12.96
N CYS B 66 27.93 22.48 -13.05
CA CYS B 66 28.91 23.14 -13.88
C CYS B 66 30.34 22.90 -13.39
N ARG B 67 30.51 22.37 -12.19
CA ARG B 67 31.87 22.03 -11.79
C ARG B 67 32.41 20.81 -12.50
N MET B 68 31.56 20.05 -13.18
N MET B 68 31.55 20.04 -13.17
CA MET B 68 31.95 18.79 -13.79
CA MET B 68 31.93 18.78 -13.79
C MET B 68 32.23 18.91 -15.28
C MET B 68 32.25 18.91 -15.27
N GLY B 69 32.08 20.08 -15.87
CA GLY B 69 32.30 20.22 -17.29
C GLY B 69 31.71 21.52 -17.78
N ASN B 70 32.02 21.84 -19.03
CA ASN B 70 31.41 22.97 -19.73
C ASN B 70 30.28 22.42 -20.60
N PHE B 71 29.06 22.83 -20.30
CA PHE B 71 27.88 22.25 -20.94
C PHE B 71 27.18 23.33 -21.75
N TYR B 72 26.59 22.93 -22.88
CA TYR B 72 25.80 23.83 -23.69
C TYR B 72 24.57 23.12 -24.22
N ILE B 73 23.64 23.92 -24.74
CA ILE B 73 22.40 23.41 -25.35
C ILE B 73 22.41 23.66 -26.85
N GLN B 74 22.01 22.65 -27.62
CA GLN B 74 21.88 22.79 -29.07
C GLN B 74 20.62 22.05 -29.48
N TYR B 75 19.80 22.70 -30.28
CA TYR B 75 18.60 22.04 -30.80
C TYR B 75 18.99 21.06 -31.90
N ASP B 76 18.40 19.86 -31.83
CA ASP B 76 18.53 18.83 -32.85
C ASP B 76 17.25 18.75 -33.68
N PRO B 77 17.28 19.15 -34.94
CA PRO B 77 16.04 19.12 -35.73
C PRO B 77 15.62 17.73 -36.12
N LYS B 78 16.48 16.73 -35.95
CA LYS B 78 16.06 15.37 -36.29
C LYS B 78 15.28 14.75 -35.14
N ASP B 79 15.86 14.77 -33.94
CA ASP B 79 15.15 14.27 -32.77
C ASP B 79 14.18 15.29 -32.18
N GLY B 80 14.20 16.53 -32.65
CA GLY B 80 13.16 17.47 -32.25
C GLY B 80 13.26 17.91 -30.80
N LEU B 81 14.47 18.04 -30.27
CA LEU B 81 14.58 18.56 -28.91
C LEU B 81 15.88 19.31 -28.69
N TYR B 82 15.84 20.14 -27.67
CA TYR B 82 17.02 20.81 -27.17
C TYR B 82 17.88 19.81 -26.41
N LYS B 83 19.11 19.61 -26.87
CA LYS B 83 19.98 18.61 -26.25
C LYS B 83 21.12 19.29 -25.49
N MET B 84 21.46 18.74 -24.33
CA MET B 84 22.66 19.19 -23.64
C MET B 84 23.85 18.41 -24.18
N MET B 85 24.95 19.11 -24.34
CA MET B 85 26.21 18.54 -24.80
C MET B 85 27.34 19.12 -23.98
N GLU B 86 28.46 18.41 -23.95
CA GLU B 86 29.67 18.87 -23.30
C GLU B 86 30.66 19.36 -24.34
N GLU B 87 31.28 20.53 -24.09
CA GLU B 87 32.33 21.07 -24.95
C GLU B 87 33.66 20.75 -24.25
N ARG B 88 34.49 19.94 -24.92
CA ARG B 88 35.77 19.58 -24.33
C ARG B 88 36.87 20.61 -24.59
N ASP B 89 36.71 21.43 -25.63
CA ASP B 89 37.65 22.50 -25.94
C ASP B 89 37.34 23.70 -25.05
N GLY B 90 38.05 23.78 -23.93
CA GLY B 90 37.79 24.84 -22.97
C GLY B 90 37.96 26.23 -23.56
N ALA B 91 38.89 26.39 -24.50
CA ALA B 91 39.17 27.72 -25.04
C ALA B 91 38.10 28.14 -26.03
N LYS B 92 37.61 27.20 -26.81
CA LYS B 92 36.45 27.45 -27.65
C LYS B 92 35.26 27.87 -26.81
N PHE B 93 35.01 27.13 -25.73
CA PHE B 93 33.87 27.43 -24.86
C PHE B 93 33.98 28.83 -24.27
N GLU B 94 35.14 29.15 -23.67
CA GLU B 94 35.30 30.47 -23.06
C GLU B 94 35.12 31.57 -24.08
N ASN B 95 35.59 31.34 -25.31
CA ASN B 95 35.48 32.34 -26.37
C ASN B 95 34.03 32.52 -26.81
N ILE B 96 33.29 31.41 -26.95
CA ILE B 96 31.88 31.49 -27.30
C ILE B 96 31.09 32.22 -26.23
N VAL B 97 31.28 31.82 -24.97
CA VAL B 97 30.52 32.42 -23.87
C VAL B 97 30.81 33.91 -23.79
N HIS B 98 32.10 34.28 -23.84
CA HIS B 98 32.45 35.68 -23.73
C HIS B 98 31.78 36.53 -24.81
N ASN B 99 31.78 36.06 -26.06
CA ASN B 99 31.11 36.78 -27.14
C ASN B 99 29.62 36.93 -26.86
N PHE B 100 28.96 35.86 -26.41
CA PHE B 100 27.52 35.95 -26.18
C PHE B 100 27.20 36.88 -25.03
N LYS B 101 28.05 36.86 -23.99
CA LYS B 101 27.86 37.78 -22.87
C LYS B 101 28.07 39.22 -23.32
N GLU B 102 29.08 39.47 -24.16
CA GLU B 102 29.35 40.82 -24.64
C GLU B 102 28.18 41.38 -25.42
N ARG B 103 27.47 40.52 -26.15
CA ARG B 103 26.34 40.91 -27.02
C ARG B 103 25.01 40.91 -26.26
N GLN B 104 25.02 40.57 -24.98
CA GLN B 104 23.90 40.60 -24.02
C GLN B 104 22.74 39.78 -24.56
N MET B 105 23.08 38.54 -24.89
CA MET B 105 22.15 37.58 -25.47
C MET B 105 21.99 36.41 -24.51
N MET B 106 21.91 36.71 -23.22
CA MET B 106 21.73 35.67 -22.20
C MET B 106 20.77 36.12 -21.12
N VAL B 107 19.95 35.22 -20.57
CA VAL B 107 19.17 35.52 -19.35
C VAL B 107 20.13 35.29 -18.20
N SER B 108 20.05 36.08 -17.15
CA SER B 108 20.92 35.95 -15.96
C SER B 108 20.14 35.17 -14.91
N TYR B 109 20.67 34.07 -14.37
CA TYR B 109 20.04 33.32 -13.31
C TYR B 109 19.57 34.29 -12.25
N PRO B 110 18.28 34.40 -12.04
CA PRO B 110 17.78 35.57 -11.33
C PRO B 110 17.58 35.32 -9.87
N LYS B 111 18.68 35.05 -9.16
CA LYS B 111 18.61 34.72 -7.74
C LYS B 111 18.62 35.97 -6.87
N ILE B 112 17.61 36.08 -6.00
CA ILE B 112 17.58 37.09 -4.95
C ILE B 112 18.58 36.70 -3.86
N ASP B 113 19.29 37.69 -3.33
CA ASP B 113 20.32 37.39 -2.33
C ASP B 113 19.72 36.70 -1.10
N GLU B 114 18.58 37.20 -0.62
CA GLU B 114 17.90 36.65 0.54
C GLU B 114 17.47 35.18 0.37
N ASP B 115 17.47 34.66 -0.85
CA ASP B 115 16.68 33.50 -1.20
C ASP B 115 17.51 32.24 -1.13
N ASP B 116 17.14 31.32 -0.22
CA ASP B 116 17.80 30.04 -0.12
C ASP B 116 16.97 28.89 -0.69
N THR B 117 15.93 29.19 -1.47
CA THR B 117 15.01 28.16 -1.93
C THR B 117 15.74 27.01 -2.62
N TRP B 118 16.62 27.32 -3.58
CA TRP B 118 17.21 26.23 -4.36
C TRP B 118 18.13 25.38 -3.47
N TYR B 119 18.94 26.02 -2.62
CA TYR B 119 19.74 25.25 -1.68
C TYR B 119 18.85 24.36 -0.84
N ASN B 120 17.73 24.89 -0.37
CA ASN B 120 16.89 24.13 0.55
C ASN B 120 16.21 22.97 -0.18
N LEU B 121 16.00 23.07 -1.47
CA LEU B 121 15.40 21.96 -2.22
C LEU B 121 16.41 20.91 -2.69
N THR B 122 17.71 21.26 -2.72
CA THR B 122 18.75 20.39 -3.26
C THR B 122 19.84 20.11 -2.24
N GLU B 123 19.61 20.44 -0.97
CA GLU B 123 20.63 20.33 0.07
C GLU B 123 21.39 19.00 0.00
N PHE B 124 20.68 17.88 -0.17
CA PHE B 124 21.30 16.57 -0.15
C PHE B 124 21.44 15.91 -1.52
N VAL B 125 21.12 16.63 -2.58
CA VAL B 125 21.15 16.11 -3.93
C VAL B 125 22.55 16.28 -4.50
N GLN B 126 23.14 15.18 -4.97
N GLN B 126 23.16 15.17 -4.92
CA GLN B 126 24.49 15.15 -5.48
CA GLN B 126 24.49 15.11 -5.48
C GLN B 126 24.50 14.56 -6.88
C GLN B 126 24.43 14.60 -6.91
N MET B 127 25.20 15.22 -7.80
CA MET B 127 25.23 14.77 -9.18
C MET B 127 25.66 13.31 -9.28
N ASP B 128 26.59 12.87 -8.44
CA ASP B 128 27.03 11.49 -8.56
C ASP B 128 25.90 10.52 -8.25
N LYS B 129 24.99 10.88 -7.34
CA LYS B 129 23.87 9.98 -7.06
C LYS B 129 22.81 10.08 -8.14
N ILE B 130 22.58 11.28 -8.68
CA ILE B 130 21.67 11.39 -9.81
C ILE B 130 22.09 10.44 -10.93
N ARG B 131 23.40 10.36 -11.19
CA ARG B 131 23.87 9.55 -12.32
C ARG B 131 23.72 8.06 -12.08
N LYS B 132 23.50 7.63 -10.84
CA LYS B 132 23.17 6.24 -10.57
C LYS B 132 21.68 5.97 -10.67
N ILE B 133 20.85 6.97 -10.40
CA ILE B 133 19.42 6.81 -10.67
C ILE B 133 19.12 6.86 -12.16
N VAL B 134 19.79 7.76 -12.89
CA VAL B 134 19.59 7.96 -14.33
C VAL B 134 20.88 7.49 -15.02
N ARG B 135 20.83 6.33 -15.66
CA ARG B 135 22.06 5.65 -16.11
C ARG B 135 22.34 5.97 -17.58
N LYS B 136 23.35 6.82 -17.81
CA LYS B 136 23.86 7.10 -19.16
C LYS B 136 25.29 7.56 -19.01
N ASP B 137 26.21 6.60 -18.87
CA ASP B 137 27.51 6.87 -18.29
C ASP B 137 28.40 7.73 -19.16
N GLU B 138 28.12 7.80 -20.47
CA GLU B 138 28.97 8.58 -21.36
C GLU B 138 28.78 10.09 -21.17
N ASN B 139 27.70 10.52 -20.52
CA ASN B 139 27.48 11.94 -20.26
C ASN B 139 27.64 12.27 -18.78
N GLN B 140 28.11 13.48 -18.50
CA GLN B 140 28.22 13.96 -17.14
C GLN B 140 26.94 14.60 -16.60
N PHE B 141 25.92 14.74 -17.42
CA PHE B 141 24.64 15.31 -17.06
C PHE B 141 23.58 14.26 -17.33
N SER B 142 22.39 14.46 -16.78
CA SER B 142 21.34 13.43 -16.83
C SER B 142 20.02 13.94 -17.38
N TYR B 143 19.51 13.24 -18.40
CA TYR B 143 18.22 13.57 -18.99
C TYR B 143 17.09 12.91 -18.24
N VAL B 144 16.03 13.68 -18.00
CA VAL B 144 14.79 13.17 -17.41
C VAL B 144 13.62 13.79 -18.17
N ASP B 145 12.53 13.01 -18.32
CA ASP B 145 11.31 13.56 -18.93
C ASP B 145 10.05 13.06 -18.24
N SER B 146 8.91 13.60 -18.68
CA SER B 146 7.64 13.34 -18.01
C SER B 146 7.24 11.86 -18.09
N SER B 147 7.71 11.15 -19.11
CA SER B 147 7.18 9.81 -19.39
C SER B 147 8.04 8.68 -18.82
N MET B 148 9.26 8.97 -18.39
CA MET B 148 10.18 7.93 -17.97
C MET B 148 9.60 7.17 -16.80
N THR B 149 9.64 5.84 -16.87
CA THR B 149 9.14 5.02 -15.79
C THR B 149 10.27 4.61 -14.88
N THR B 150 9.88 4.18 -13.67
CA THR B 150 10.82 3.77 -12.64
C THR B 150 10.98 2.26 -12.70
N VAL B 151 12.10 1.77 -12.16
CA VAL B 151 12.33 0.32 -12.09
C VAL B 151 11.16 -0.37 -11.41
N GLN B 152 10.64 0.20 -10.31
CA GLN B 152 9.49 -0.41 -9.65
C GLN B 152 8.27 -0.42 -10.56
N GLU B 153 8.01 0.70 -11.26
CA GLU B 153 6.90 0.74 -12.18
C GLU B 153 7.03 -0.35 -13.24
N ASN B 154 8.28 -0.63 -13.67
CA ASN B 154 8.53 -1.61 -14.72
C ASN B 154 8.34 -3.04 -14.22
N GLU B 155 8.47 -3.28 -12.92
CA GLU B 155 8.25 -4.62 -12.37
C GLU B 155 6.77 -4.97 -12.28
N LEU B 156 5.87 -3.98 -12.38
CA LEU B 156 4.44 -4.20 -12.20
C LEU B 156 3.71 -4.20 -13.54
N SER B 161 9.13 0.22 -20.44
CA SER B 161 9.64 -1.14 -20.34
C SER B 161 11.09 -1.21 -20.85
N ASP B 162 11.62 -0.07 -21.31
CA ASP B 162 13.00 0.00 -21.79
C ASP B 162 13.92 0.29 -20.61
N PRO B 163 14.74 -0.68 -20.18
CA PRO B 163 15.51 -0.48 -18.93
C PRO B 163 16.50 0.68 -18.97
N ALA B 164 17.06 1.00 -20.14
CA ALA B 164 18.08 2.05 -20.22
C ALA B 164 17.49 3.43 -20.02
N HIS B 165 16.18 3.58 -20.21
CA HIS B 165 15.48 4.85 -20.09
C HIS B 165 14.66 4.93 -18.80
N SER B 166 15.07 4.21 -17.77
CA SER B 166 14.30 4.08 -16.55
C SER B 166 14.91 4.93 -15.44
N LEU B 167 14.08 5.29 -14.47
CA LEU B 167 14.53 5.96 -13.26
C LEU B 167 14.79 4.87 -12.22
N ASN B 168 16.06 4.62 -11.91
N ASN B 168 16.06 4.65 -11.90
CA ASN B 168 16.43 3.55 -11.00
CA ASN B 168 16.49 3.59 -11.00
C ASN B 168 16.42 4.01 -9.54
C ASN B 168 16.44 4.03 -9.53
N TYR B 169 15.24 4.44 -9.09
CA TYR B 169 15.07 4.77 -7.69
C TYR B 169 15.11 3.50 -6.85
N THR B 170 15.45 3.65 -5.58
CA THR B 170 15.47 2.51 -4.66
C THR B 170 14.05 2.00 -4.48
N VAL B 171 13.85 0.69 -4.67
CA VAL B 171 12.53 0.11 -4.57
C VAL B 171 12.09 0.03 -3.12
N ILE B 172 10.93 0.59 -2.83
CA ILE B 172 10.32 0.57 -1.51
C ILE B 172 8.97 -0.12 -1.64
N ASN B 173 8.74 -1.16 -0.85
CA ASN B 173 7.50 -1.93 -0.98
C ASN B 173 7.16 -2.46 0.41
N PHE B 174 6.11 -1.91 1.00
CA PHE B 174 5.75 -2.17 2.39
C PHE B 174 5.25 -3.59 2.60
N LYS B 175 4.79 -4.25 1.55
CA LYS B 175 4.33 -5.65 1.64
C LYS B 175 5.29 -6.51 0.81
N SER B 176 6.51 -6.61 1.30
CA SER B 176 7.57 -7.32 0.64
C SER B 176 8.39 -8.01 1.70
N ARG B 177 9.04 -9.11 1.30
CA ARG B 177 9.91 -9.79 2.24
C ARG B 177 11.06 -8.89 2.69
N GLU B 178 11.52 -7.99 1.82
CA GLU B 178 12.57 -7.07 2.27
C GLU B 178 12.07 -6.21 3.43
N ALA B 179 10.78 -5.85 3.42
CA ALA B 179 10.25 -4.96 4.44
C ALA B 179 9.82 -5.66 5.73
N ILE B 180 9.70 -6.99 5.71
CA ILE B 180 9.00 -7.72 6.77
C ILE B 180 9.85 -8.91 7.18
N ARG B 181 10.34 -8.90 8.43
CA ARG B 181 11.10 -10.01 8.97
C ARG B 181 10.18 -11.19 9.28
N PRO B 182 10.52 -12.40 8.84
CA PRO B 182 9.74 -13.58 9.25
C PRO B 182 9.60 -13.59 10.76
N GLY B 183 8.39 -13.85 11.23
CA GLY B 183 8.12 -13.81 12.65
C GLY B 183 7.92 -12.44 13.27
N HIS B 184 8.15 -11.37 12.51
CA HIS B 184 7.86 -10.03 12.99
C HIS B 184 6.81 -9.35 12.11
N GLU B 185 5.89 -10.14 11.54
CA GLU B 185 4.99 -9.62 10.51
C GLU B 185 4.18 -8.42 11.00
N MET B 186 3.46 -8.57 12.12
CA MET B 186 2.63 -7.47 12.58
C MET B 186 3.51 -6.32 13.01
N GLU B 187 4.57 -6.65 13.72
CA GLU B 187 5.46 -5.63 14.25
C GLU B 187 6.03 -4.80 13.13
N ASP B 188 6.59 -5.46 12.11
CA ASP B 188 7.28 -4.72 11.05
C ASP B 188 6.30 -3.98 10.15
N PHE B 189 5.08 -4.48 9.98
CA PHE B 189 4.12 -3.83 9.10
C PHE B 189 3.55 -2.58 9.76
N LEU B 190 3.33 -2.63 11.07
CA LEU B 190 2.70 -1.52 11.75
C LEU B 190 3.72 -0.49 12.21
N ASP B 191 4.97 -0.90 12.40
CA ASP B 191 6.08 -0.02 12.76
C ASP B 191 7.23 -0.29 11.81
N LYS B 192 7.47 0.60 10.85
CA LYS B 192 8.43 0.27 9.80
C LYS B 192 9.89 0.61 10.17
N SER B 193 10.20 0.78 11.46
CA SER B 193 11.53 1.22 11.86
C SER B 193 12.66 0.29 11.40
N TYR B 194 12.43 -1.03 11.41
N TYR B 194 12.42 -1.02 11.46
N TYR B 194 12.43 -1.03 11.43
CA TYR B 194 13.53 -1.91 10.99
CA TYR B 194 13.40 -1.99 10.97
CA TYR B 194 13.46 -1.95 10.98
C TYR B 194 13.79 -1.77 9.49
C TYR B 194 13.76 -1.70 9.52
C TYR B 194 13.78 -1.73 9.50
N TYR B 195 12.73 -1.61 8.68
CA TYR B 195 12.93 -1.41 7.26
C TYR B 195 13.60 -0.08 6.97
N LEU B 196 13.20 0.97 7.68
CA LEU B 196 13.85 2.27 7.53
C LEU B 196 15.31 2.23 7.96
N ASN B 197 15.55 1.80 9.21
CA ASN B 197 16.84 2.02 9.83
C ASN B 197 17.86 0.95 9.44
N THR B 198 17.43 -0.32 9.36
CA THR B 198 18.38 -1.38 9.07
C THR B 198 18.50 -1.67 7.59
N VAL B 199 17.37 -1.91 6.92
CA VAL B 199 17.39 -2.29 5.52
C VAL B 199 17.80 -1.11 4.66
N MET B 200 17.18 0.04 4.88
CA MET B 200 17.34 1.13 3.92
C MET B 200 18.51 2.02 4.31
N LEU B 201 18.51 2.56 5.54
CA LEU B 201 19.54 3.50 5.96
C LEU B 201 20.90 2.81 6.12
N GLN B 202 20.98 1.82 7.00
N GLN B 202 20.98 1.82 7.00
CA GLN B 202 22.25 1.11 7.19
CA GLN B 202 22.26 1.12 7.19
C GLN B 202 22.60 0.29 5.96
C GLN B 202 22.60 0.28 5.96
N GLY B 203 21.64 -0.45 5.41
CA GLY B 203 21.91 -1.37 4.33
C GLY B 203 22.15 -0.74 2.98
N ILE B 204 21.22 0.09 2.53
CA ILE B 204 21.17 0.49 1.14
C ILE B 204 21.69 1.89 0.92
N PHE B 205 21.14 2.85 1.66
CA PHE B 205 21.55 4.24 1.48
C PHE B 205 22.85 4.57 2.21
N LYS B 206 23.19 3.81 3.26
CA LYS B 206 24.37 4.04 4.08
C LYS B 206 24.20 5.18 5.10
N ASN B 207 23.52 6.26 4.73
CA ASN B 207 23.30 7.37 5.64
C ASN B 207 22.03 8.12 5.23
N SER B 208 21.57 9.00 6.15
CA SER B 208 20.32 9.73 5.90
C SER B 208 20.51 10.79 4.82
N SER B 209 21.73 11.31 4.67
CA SER B 209 21.96 12.27 3.60
C SER B 209 21.62 11.70 2.24
N ASN B 210 22.05 10.45 1.94
CA ASN B 210 21.73 9.85 0.66
C ASN B 210 20.24 9.59 0.52
N TYR B 211 19.58 9.19 1.61
CA TYR B 211 18.13 8.98 1.58
C TYR B 211 17.43 10.27 1.23
N PHE B 212 17.78 11.35 1.95
CA PHE B 212 17.16 12.65 1.65
C PHE B 212 17.50 13.13 0.26
N GLY B 213 18.70 12.83 -0.24
CA GLY B 213 19.03 13.25 -1.59
C GLY B 213 18.10 12.62 -2.61
N GLU B 214 17.84 11.32 -2.47
CA GLU B 214 16.94 10.66 -3.41
C GLU B 214 15.51 11.16 -3.25
N LEU B 215 15.08 11.38 -2.01
CA LEU B 215 13.76 11.96 -1.75
C LEU B 215 13.61 13.32 -2.41
N GLN B 216 14.63 14.18 -2.27
CA GLN B 216 14.56 15.51 -2.89
C GLN B 216 14.61 15.47 -4.41
N PHE B 217 15.42 14.58 -4.99
CA PHE B 217 15.45 14.42 -6.44
C PHE B 217 14.14 13.90 -6.98
N ALA B 218 13.53 12.93 -6.30
CA ALA B 218 12.23 12.43 -6.71
C ALA B 218 11.17 13.54 -6.70
N PHE B 219 11.14 14.35 -5.63
CA PHE B 219 10.22 15.48 -5.61
C PHE B 219 10.45 16.41 -6.80
N LEU B 220 11.70 16.75 -7.07
CA LEU B 220 11.97 17.75 -8.10
C LEU B 220 11.57 17.23 -9.48
N ASN B 221 11.79 15.93 -9.75
CA ASN B 221 11.35 15.34 -11.00
CA ASN B 221 11.35 15.34 -11.00
C ASN B 221 9.83 15.31 -11.10
N ALA B 222 9.16 15.04 -9.97
CA ALA B 222 7.70 15.11 -9.96
C ALA B 222 7.23 16.52 -10.30
N MET B 223 7.86 17.52 -9.69
CA MET B 223 7.39 18.90 -9.84
C MET B 223 7.72 19.44 -11.22
N PHE B 224 8.96 19.26 -11.68
CA PHE B 224 9.38 19.89 -12.91
C PHE B 224 8.91 19.13 -14.14
N PHE B 225 8.75 17.80 -14.06
CA PHE B 225 8.37 17.06 -15.27
C PHE B 225 7.01 16.40 -15.17
N GLY B 226 6.33 16.53 -14.03
CA GLY B 226 5.08 15.77 -13.86
C GLY B 226 5.33 14.28 -13.94
N ASN B 227 6.48 13.82 -13.45
CA ASN B 227 6.87 12.44 -13.61
C ASN B 227 6.18 11.64 -12.51
N TYR B 228 5.19 10.82 -12.92
CA TYR B 228 4.35 10.15 -11.97
C TYR B 228 5.12 9.18 -11.08
N GLY B 229 6.03 8.39 -11.65
CA GLY B 229 6.79 7.47 -10.82
C GLY B 229 7.67 8.13 -9.78
N SER B 230 8.19 9.31 -10.13
CA SER B 230 8.93 10.10 -9.16
C SER B 230 8.04 10.56 -8.01
N SER B 231 6.81 10.99 -8.32
CA SER B 231 5.91 11.36 -7.25
C SER B 231 5.63 10.17 -6.34
N LEU B 232 5.43 8.98 -6.94
CA LEU B 232 5.23 7.80 -6.10
C LEU B 232 6.41 7.57 -5.17
N GLN B 233 7.63 7.71 -5.69
CA GLN B 233 8.82 7.50 -4.88
C GLN B 233 8.91 8.51 -3.75
N TRP B 234 8.67 9.80 -4.04
CA TRP B 234 8.74 10.83 -3.01
C TRP B 234 7.79 10.51 -1.86
N HIS B 235 6.53 10.18 -2.19
CA HIS B 235 5.56 9.85 -1.14
C HIS B 235 5.96 8.60 -0.38
N ALA B 236 6.51 7.59 -1.08
CA ALA B 236 6.91 6.35 -0.40
C ALA B 236 8.02 6.61 0.60
N MET B 237 8.97 7.47 0.22
CA MET B 237 10.05 7.77 1.13
C MET B 237 9.61 8.61 2.32
N ILE B 238 8.61 9.48 2.15
CA ILE B 238 8.01 10.18 3.28
C ILE B 238 7.28 9.19 4.18
N GLU B 239 6.44 8.37 3.58
CA GLU B 239 5.62 7.46 4.37
C GLU B 239 6.49 6.50 5.17
N LEU B 240 7.61 6.06 4.59
CA LEU B 240 8.47 5.12 5.31
C LEU B 240 9.01 5.73 6.60
N ILE B 241 9.41 7.01 6.56
CA ILE B 241 9.81 7.67 7.79
C ILE B 241 8.62 7.88 8.73
N CYS B 242 7.51 8.42 8.24
CA CYS B 242 6.40 8.74 9.13
C CYS B 242 5.85 7.49 9.80
N SER B 243 5.92 6.34 9.13
CA SER B 243 5.40 5.08 9.66
C SER B 243 6.41 4.31 10.50
N SER B 244 7.51 4.94 10.87
CA SER B 244 8.50 4.35 11.77
C SER B 244 8.40 5.02 13.13
N ALA B 245 8.26 4.21 14.19
CA ALA B 245 8.19 4.78 15.52
C ALA B 245 9.54 5.26 16.02
N THR B 246 10.64 4.75 15.46
CA THR B 246 11.98 5.05 15.93
C THR B 246 12.75 5.65 14.78
N VAL B 247 12.96 6.95 14.85
CA VAL B 247 13.65 7.69 13.80
C VAL B 247 14.62 8.62 14.53
N PRO B 248 15.87 8.68 14.13
CA PRO B 248 16.79 9.67 14.72
C PRO B 248 16.22 11.08 14.70
N LYS B 249 16.37 11.77 15.83
CA LYS B 249 15.74 13.08 16.01
C LYS B 249 16.22 14.07 14.95
N HIS B 250 17.50 13.97 14.56
CA HIS B 250 18.01 14.91 13.57
C HIS B 250 17.39 14.65 12.22
N MET B 251 17.00 13.40 11.95
CA MET B 251 16.35 13.11 10.69
C MET B 251 14.94 13.70 10.65
N LEU B 252 14.19 13.60 11.75
CA LEU B 252 12.85 14.16 11.77
C LEU B 252 12.91 15.67 11.61
N ASP B 253 13.83 16.30 12.31
CA ASP B 253 13.92 17.74 12.19
C ASP B 253 14.31 18.14 10.78
N LYS B 254 15.24 17.41 10.15
CA LYS B 254 15.61 17.74 8.79
C LYS B 254 14.47 17.45 7.82
N LEU B 255 13.75 16.33 8.03
CA LEU B 255 12.63 16.04 7.13
C LEU B 255 11.60 17.16 7.18
N ASP B 256 11.33 17.69 8.37
CA ASP B 256 10.37 18.78 8.46
C ASP B 256 10.80 19.97 7.61
N GLU B 257 12.09 20.32 7.64
CA GLU B 257 12.59 21.42 6.81
C GLU B 257 12.51 21.09 5.32
N ILE B 258 12.87 19.85 4.98
CA ILE B 258 12.83 19.45 3.58
C ILE B 258 11.43 19.60 3.03
N LEU B 259 10.46 19.00 3.71
CA LEU B 259 9.09 19.01 3.21
C LEU B 259 8.50 20.41 3.22
N TYR B 260 8.85 21.21 4.24
CA TYR B 260 8.35 22.57 4.26
C TYR B 260 8.71 23.29 2.97
N TYR B 261 9.97 23.21 2.55
CA TYR B 261 10.38 23.96 1.37
C TYR B 261 9.79 23.36 0.10
N GLN B 262 9.57 22.04 0.10
CA GLN B 262 8.93 21.44 -1.06
C GLN B 262 7.50 21.92 -1.16
N ILE B 263 6.78 21.93 -0.04
CA ILE B 263 5.39 22.38 -0.07
C ILE B 263 5.32 23.86 -0.39
N LYS B 264 6.28 24.64 0.11
CA LYS B 264 6.30 26.07 -0.18
C LYS B 264 6.49 26.35 -1.67
N THR B 265 7.31 25.55 -2.36
CA THR B 265 7.62 25.78 -3.76
C THR B 265 6.56 25.22 -4.70
N LEU B 266 5.82 24.19 -4.27
CA LEU B 266 4.86 23.56 -5.18
C LEU B 266 3.90 24.61 -5.73
N PRO B 267 3.66 24.64 -7.05
CA PRO B 267 2.63 25.55 -7.58
C PRO B 267 1.29 25.21 -6.98
N GLU B 268 0.56 26.26 -6.58
CA GLU B 268 -0.74 26.07 -5.94
C GLU B 268 -1.66 25.21 -6.80
N GLN B 269 -1.57 25.36 -8.13
CA GLN B 269 -2.51 24.72 -9.03
C GLN B 269 -2.17 23.27 -9.34
N TYR B 270 -0.99 22.78 -8.95
CA TYR B 270 -0.59 21.39 -9.19
C TYR B 270 -0.78 20.52 -7.96
N SER B 271 -1.28 21.07 -6.85
CA SER B 271 -1.42 20.28 -5.64
C SER B 271 -2.36 19.11 -5.85
N ASP B 272 -3.42 19.32 -6.66
CA ASP B 272 -4.39 18.26 -6.88
C ASP B 272 -3.73 17.00 -7.42
N ILE B 273 -2.69 17.14 -8.23
CA ILE B 273 -2.09 16.00 -8.92
C ILE B 273 -0.78 15.56 -8.27
N LEU B 274 -0.07 16.48 -7.60
CA LEU B 274 1.22 16.16 -7.04
C LEU B 274 1.19 15.75 -5.57
N LEU B 275 0.05 15.81 -4.89
CA LEU B 275 -0.01 15.48 -3.47
C LEU B 275 -1.03 14.37 -3.25
N ASN B 276 -0.60 13.30 -2.62
CA ASN B 276 -1.44 12.14 -2.33
C ASN B 276 -2.14 12.33 -1.00
N GLU B 277 -3.47 12.49 -1.05
CA GLU B 277 -4.27 12.75 0.15
C GLU B 277 -4.02 11.71 1.24
N ARG B 278 -4.02 10.43 0.88
CA ARG B 278 -3.88 9.40 1.91
C ARG B 278 -2.56 9.54 2.65
N VAL B 279 -1.46 9.65 1.91
CA VAL B 279 -0.15 9.71 2.56
C VAL B 279 -0.08 10.91 3.49
N TRP B 280 -0.54 12.07 3.00
CA TRP B 280 -0.32 13.27 3.80
C TRP B 280 -1.20 13.27 5.04
N ASN B 281 -2.46 12.89 4.89
CA ASN B 281 -3.32 12.79 6.07
C ASN B 281 -2.78 11.75 7.05
N ILE B 282 -2.30 10.63 6.53
CA ILE B 282 -1.72 9.62 7.41
C ILE B 282 -0.48 10.15 8.10
N CYS B 283 0.42 10.79 7.34
CA CYS B 283 1.68 11.25 7.94
C CYS B 283 1.46 12.34 8.97
N LEU B 284 0.58 13.31 8.66
CA LEU B 284 0.40 14.46 9.54
C LEU B 284 -0.53 14.19 10.72
N TYR B 285 -1.44 13.23 10.61
CA TYR B 285 -2.51 13.10 11.60
C TYR B 285 -2.64 11.74 12.26
N SER B 286 -2.10 10.67 11.68
CA SER B 286 -2.24 9.34 12.25
C SER B 286 -0.92 8.65 12.56
N SER B 287 0.18 9.03 11.92
CA SER B 287 1.41 8.26 11.99
C SER B 287 2.15 8.50 13.30
N PHE B 288 3.20 7.71 13.51
CA PHE B 288 4.05 7.88 14.68
C PHE B 288 4.62 9.29 14.75
N GLN B 289 4.79 9.93 13.60
CA GLN B 289 5.46 11.22 13.53
C GLN B 289 4.47 12.37 13.35
N LYS B 290 3.18 12.13 13.62
CA LYS B 290 2.13 13.13 13.41
C LYS B 290 2.39 14.42 14.16
N ASN B 291 3.23 14.39 15.19
CA ASN B 291 3.55 15.55 16.00
C ASN B 291 4.99 15.99 15.81
N SER B 292 5.70 15.46 14.83
CA SER B 292 7.11 15.72 14.65
C SER B 292 7.41 16.62 13.44
N LEU B 293 6.39 17.07 12.73
CA LEU B 293 6.59 17.82 11.49
C LEU B 293 5.82 19.14 11.57
N HIS B 294 6.21 19.97 12.54
CA HIS B 294 5.41 21.15 12.86
C HIS B 294 5.39 22.14 11.71
N ASN B 295 6.55 22.37 11.08
CA ASN B 295 6.63 23.38 10.04
C ASN B 295 5.84 22.94 8.81
N THR B 296 5.99 21.66 8.46
CA THR B 296 5.26 21.10 7.32
C THR B 296 3.77 21.09 7.58
N GLU B 297 3.35 20.67 8.78
CA GLU B 297 1.92 20.66 9.09
C GLU B 297 1.35 22.07 9.01
N LYS B 298 2.09 23.06 9.50
CA LYS B 298 1.55 24.42 9.46
C LYS B 298 1.41 24.94 8.04
N ILE B 299 2.40 24.71 7.17
CA ILE B 299 2.27 25.22 5.81
C ILE B 299 1.20 24.45 5.06
N MET B 300 1.10 23.14 5.27
CA MET B 300 0.07 22.36 4.59
C MET B 300 -1.33 22.82 5.01
N GLU B 301 -1.54 23.03 6.31
CA GLU B 301 -2.86 23.48 6.77
C GLU B 301 -3.21 24.86 6.24
N ASN B 302 -2.22 25.72 6.02
CA ASN B 302 -2.53 27.07 5.56
C ASN B 302 -2.59 27.18 4.04
N LYS B 303 -1.92 26.28 3.33
CA LYS B 303 -1.87 26.37 1.87
C LYS B 303 -2.78 25.37 1.17
N TYR B 304 -3.01 24.20 1.75
CA TYR B 304 -3.81 23.15 1.11
C TYR B 304 -4.75 22.52 2.12
N PRO B 305 -5.58 23.32 2.79
CA PRO B 305 -6.48 22.73 3.79
C PRO B 305 -7.55 21.83 3.20
N GLU B 306 -7.82 21.94 1.89
CA GLU B 306 -8.79 21.05 1.25
C GLU B 306 -8.30 19.61 1.25
N LEU B 307 -7.05 19.39 0.85
CA LEU B 307 -6.49 18.05 0.79
C LEU B 307 -6.69 17.31 2.11
N LEU B 308 -6.77 18.02 3.21
CA LEU B 308 -6.82 17.39 4.53
C LEU B 308 -8.21 17.48 5.14
N1 WCT C . 17.58 38.70 -22.60
C7 WCT C . 17.93 40.59 -24.44
C8 WCT C . 17.57 41.95 -25.03
O1 WCT C . 18.19 37.08 -24.02
C1 WCT C . 14.02 36.19 -22.50
C5 WCT C . 18.80 39.45 -22.66
C6 WCT C . 18.60 40.81 -23.15
C4 WCT C . 17.37 37.55 -23.28
C3 WCT C . 16.05 36.91 -23.05
C2 WCT C . 15.01 37.22 -22.24
F2 WCT C . 18.55 42.61 -25.48
F WCT C . 16.64 41.95 -25.90
F1 WCT C . 17.10 42.70 -24.22
O2 WCT C . 18.87 40.02 -25.24
O WCT C . 15.69 35.79 -23.72
N WCT C . 14.52 35.39 -23.39
C WCT C . 12.73 36.02 -21.87
#